data_2CI1
#
_entry.id   2CI1
#
_cell.length_a   40.664
_cell.length_b   79.910
_cell.length_c   44.894
_cell.angle_alpha   90.00
_cell.angle_beta   108.58
_cell.angle_gamma   90.00
#
_symmetry.space_group_name_H-M   'P 1 21 1'
#
loop_
_entity.id
_entity.type
_entity.pdbx_description
1 polymer 'NG, NG-DIMETHYLARGININE DIMETHYLAMINOHYDROLASE 1'
2 non-polymer 'CITRIC ACID'
3 water water
#
_entity_poly.entity_id   1
_entity_poly.type   'polypeptide(L)'
_entity_poly.pdbx_seq_one_letter_code
;ATFGRATHVVVRALPESLAQQALRRTKGDEVDFARAERQHQLYVGVLGSKLGLQVVQLPADESLPDCVFVEDVAVV
(SNC)EETALITRPGAPSRRKEADMMKEALEKLQLNIVEMKDENATLDGGDVLFTGREFFVGLSKRTNQRGAEILADTFK
DYAVSTVPVVDALHLKSFCSMAGPNLIAIGSSESAQKALKIMQQMSDHRYDKLTVPDDTAANCIYLNIPSKGHVLLHRTP
EEYPESAKVYEKLKDHMLIPVSNSELEKVDGLLT(KOR)SSVLINKK
;
_entity_poly.pdbx_strand_id   A
#
loop_
_chem_comp.id
_chem_comp.type
_chem_comp.name
_chem_comp.formula
CIT non-polymer 'CITRIC ACID' 'C6 H8 O7'
#
# COMPACT_ATOMS: atom_id res chain seq x y z
N ALA A 1 -18.23 6.02 2.58
CA ALA A 1 -17.64 5.21 3.63
C ALA A 1 -16.88 6.13 4.61
N THR A 2 -16.63 5.65 5.83
CA THR A 2 -15.69 6.34 6.71
C THR A 2 -14.33 5.98 6.16
N PHE A 3 -13.64 7.02 5.72
CA PHE A 3 -12.35 6.87 5.16
C PHE A 3 -11.38 6.27 6.19
N GLY A 4 -10.74 5.24 5.72
CA GLY A 4 -9.78 4.54 6.53
C GLY A 4 -10.32 3.57 7.52
N ARG A 5 -11.65 3.37 7.57
CA ARG A 5 -12.19 2.33 8.44
CA ARG A 5 -12.15 2.33 8.47
C ARG A 5 -11.89 0.95 7.86
N ALA A 6 -11.51 0.01 8.68
CA ALA A 6 -11.27 -1.36 8.28
C ALA A 6 -11.72 -2.24 9.45
N THR A 7 -12.04 -3.47 9.10
CA THR A 7 -12.39 -4.48 10.11
C THR A 7 -11.49 -5.72 9.99
N HIS A 8 -10.93 -5.96 8.80
CA HIS A 8 -10.16 -7.16 8.53
C HIS A 8 -8.92 -6.73 7.77
N VAL A 9 -7.90 -7.61 7.83
CA VAL A 9 -6.67 -7.37 7.11
C VAL A 9 -6.12 -8.72 6.66
N VAL A 10 -5.68 -8.77 5.40
CA VAL A 10 -4.96 -9.92 4.88
C VAL A 10 -3.49 -9.60 4.86
N VAL A 11 -2.68 -10.52 5.38
CA VAL A 11 -1.22 -10.49 5.38
C VAL A 11 -0.72 -11.85 4.94
N ARG A 12 0.56 -11.96 4.67
CA ARG A 12 1.13 -13.24 4.23
C ARG A 12 2.55 -13.38 4.77
N ALA A 13 2.85 -14.60 5.21
CA ALA A 13 4.13 -14.87 5.82
C ALA A 13 5.27 -14.76 4.80
N LEU A 14 6.45 -14.42 5.35
CA LEU A 14 7.65 -14.33 4.53
C LEU A 14 8.19 -15.73 4.22
N PRO A 15 8.53 -15.97 2.95
CA PRO A 15 9.24 -17.19 2.57
C PRO A 15 10.74 -17.01 2.83
N GLU A 16 11.43 -18.09 3.15
CA GLU A 16 12.86 -18.02 3.30
C GLU A 16 13.53 -17.53 2.03
N SER A 17 12.97 -17.86 0.89
CA SER A 17 13.49 -17.45 -0.41
C SER A 17 13.49 -15.94 -0.61
N LEU A 18 12.76 -15.17 0.21
CA LEU A 18 12.79 -13.73 0.08
C LEU A 18 14.19 -13.18 0.16
N ALA A 19 14.98 -13.66 1.11
CA ALA A 19 16.24 -13.00 1.43
C ALA A 19 17.11 -12.84 0.20
N GLN A 20 17.31 -13.90 -0.55
CA GLN A 20 18.12 -13.88 -1.77
C GLN A 20 17.36 -13.65 -3.05
N GLN A 21 16.06 -14.03 -3.09
CA GLN A 21 15.37 -14.19 -4.36
C GLN A 21 14.26 -13.18 -4.60
N ALA A 22 13.86 -12.39 -3.62
CA ALA A 22 12.85 -11.35 -3.89
C ALA A 22 13.43 -10.31 -4.80
N LEU A 23 12.58 -9.73 -5.64
CA LEU A 23 12.98 -8.69 -6.57
C LEU A 23 13.41 -7.43 -5.83
N ARG A 24 14.45 -6.77 -6.28
CA ARG A 24 14.89 -5.51 -5.67
C ARG A 24 15.65 -4.69 -6.66
N ARG A 25 15.38 -3.38 -6.64
CA ARG A 25 16.04 -2.52 -7.61
CA ARG A 25 16.04 -2.45 -7.54
C ARG A 25 17.47 -2.16 -7.14
N THR A 26 17.76 -2.12 -5.86
CA THR A 26 19.05 -1.77 -5.31
C THR A 26 19.64 -3.03 -4.74
N LYS A 27 20.86 -3.38 -5.18
CA LYS A 27 21.57 -4.59 -4.71
C LYS A 27 22.43 -4.16 -3.51
N GLY A 28 21.77 -3.82 -2.41
CA GLY A 28 22.42 -3.25 -1.25
C GLY A 28 22.64 -4.28 -0.15
N ASP A 29 22.58 -3.84 1.10
CA ASP A 29 22.79 -4.71 2.23
C ASP A 29 21.92 -5.95 2.16
N GLU A 30 22.53 -7.05 2.53
CA GLU A 30 21.80 -8.31 2.59
C GLU A 30 20.65 -8.20 3.59
N VAL A 31 19.60 -8.95 3.30
CA VAL A 31 18.46 -9.06 4.20
C VAL A 31 18.86 -9.93 5.39
N ASP A 32 18.53 -9.48 6.58
CA ASP A 32 18.60 -10.29 7.81
C ASP A 32 17.23 -10.89 7.92
N PHE A 33 17.10 -12.16 7.51
CA PHE A 33 15.82 -12.76 7.41
C PHE A 33 15.10 -12.89 8.74
N ALA A 34 15.79 -13.35 9.79
CA ALA A 34 15.16 -13.47 11.10
C ALA A 34 14.65 -12.12 11.54
N ARG A 35 15.40 -11.07 11.31
CA ARG A 35 14.96 -9.73 11.72
C ARG A 35 13.76 -9.31 10.87
N ALA A 36 13.75 -9.63 9.58
CA ALA A 36 12.57 -9.33 8.71
C ALA A 36 11.38 -10.01 9.27
N GLU A 37 11.50 -11.27 9.68
CA GLU A 37 10.36 -11.97 10.26
C GLU A 37 9.89 -11.25 11.53
N ARG A 38 10.78 -10.81 12.40
CA ARG A 38 10.35 -10.11 13.59
C ARG A 38 9.63 -8.81 13.24
N GLN A 39 10.17 -8.08 12.26
CA GLN A 39 9.50 -6.82 11.87
C GLN A 39 8.11 -7.10 11.36
N HIS A 40 7.94 -8.16 10.58
CA HIS A 40 6.62 -8.53 10.09
C HIS A 40 5.71 -8.91 11.23
N GLN A 41 6.22 -9.67 12.20
CA GLN A 41 5.42 -10.04 13.38
C GLN A 41 4.89 -8.81 14.11
N LEU A 42 5.77 -7.85 14.32
CA LEU A 42 5.36 -6.64 15.06
CA LEU A 42 5.36 -6.63 15.06
C LEU A 42 4.31 -5.87 14.27
N TYR A 43 4.48 -5.79 12.93
CA TYR A 43 3.53 -5.12 12.04
C TYR A 43 2.12 -5.75 12.17
N VAL A 44 2.09 -7.08 12.05
CA VAL A 44 0.84 -7.81 12.17
C VAL A 44 0.28 -7.62 13.57
N GLY A 45 1.11 -7.62 14.59
CA GLY A 45 0.67 -7.41 15.95
C GLY A 45 0.05 -6.05 16.17
N VAL A 46 0.56 -5.02 15.52
CA VAL A 46 -0.10 -3.72 15.60
C VAL A 46 -1.49 -3.81 14.99
N LEU A 47 -1.59 -4.35 13.78
CA LEU A 47 -2.88 -4.34 13.08
C LEU A 47 -3.92 -5.17 13.78
N GLY A 48 -3.53 -6.36 14.24
CA GLY A 48 -4.46 -7.29 14.83
C GLY A 48 -4.62 -7.12 16.33
N SER A 49 -3.58 -7.25 17.10
CA SER A 49 -3.67 -7.20 18.55
CA SER A 49 -3.66 -7.21 18.55
C SER A 49 -3.93 -5.81 19.06
N LYS A 50 -3.12 -4.84 18.64
CA LYS A 50 -3.31 -3.51 19.18
CA LYS A 50 -3.33 -3.52 19.18
C LYS A 50 -4.58 -2.85 18.64
N LEU A 51 -4.75 -2.86 17.32
CA LEU A 51 -5.86 -2.14 16.69
C LEU A 51 -7.12 -2.96 16.57
N GLY A 52 -7.07 -4.25 16.74
CA GLY A 52 -8.26 -5.07 16.77
C GLY A 52 -8.80 -5.52 15.46
N LEU A 53 -8.05 -5.41 14.34
CA LEU A 53 -8.49 -5.93 13.11
C LEU A 53 -8.47 -7.47 13.11
N GLN A 54 -9.41 -8.09 12.41
CA GLN A 54 -9.41 -9.54 12.23
CA GLN A 54 -9.42 -9.53 12.22
C GLN A 54 -8.40 -9.85 11.16
N VAL A 55 -7.38 -10.62 11.52
CA VAL A 55 -6.23 -10.91 10.64
C VAL A 55 -6.44 -12.22 9.92
N VAL A 56 -6.26 -12.25 8.62
CA VAL A 56 -6.16 -13.44 7.83
C VAL A 56 -4.71 -13.55 7.43
N GLN A 57 -4.00 -14.58 7.94
CA GLN A 57 -2.56 -14.75 7.67
CA GLN A 57 -2.57 -14.66 7.58
C GLN A 57 -2.40 -15.88 6.67
N LEU A 58 -1.99 -15.59 5.45
CA LEU A 58 -1.75 -16.58 4.40
C LEU A 58 -0.38 -17.17 4.63
N PRO A 59 -0.23 -18.48 4.31
CA PRO A 59 1.09 -19.11 4.49
C PRO A 59 2.07 -18.71 3.41
N ALA A 60 3.34 -18.77 3.75
CA ALA A 60 4.38 -18.52 2.80
C ALA A 60 4.37 -19.55 1.68
N ASP A 61 4.80 -19.18 0.50
CA ASP A 61 5.05 -20.11 -0.60
C ASP A 61 6.47 -19.84 -1.07
N GLU A 62 7.35 -20.81 -0.88
CA GLU A 62 8.77 -20.59 -1.18
C GLU A 62 9.01 -20.31 -2.67
N SER A 63 8.11 -20.73 -3.52
CA SER A 63 8.23 -20.46 -4.97
CA SER A 63 8.22 -20.46 -4.96
C SER A 63 7.85 -19.02 -5.32
N LEU A 64 7.37 -18.24 -4.39
CA LEU A 64 6.90 -16.85 -4.58
C LEU A 64 7.66 -15.96 -3.60
N PRO A 65 8.93 -15.62 -3.89
CA PRO A 65 9.77 -14.93 -2.91
C PRO A 65 9.25 -13.58 -2.42
N ASP A 66 8.36 -12.95 -3.15
CA ASP A 66 7.78 -11.66 -2.79
C ASP A 66 6.37 -11.81 -2.21
N CYS A 67 5.97 -13.02 -1.77
CA CYS A 67 4.56 -13.25 -1.45
C CYS A 67 4.11 -12.51 -0.19
N VAL A 68 5.01 -12.05 0.65
CA VAL A 68 4.63 -11.17 1.77
C VAL A 68 3.89 -9.95 1.30
N PHE A 69 4.18 -9.45 0.09
CA PHE A 69 3.74 -8.12 -0.35
C PHE A 69 2.35 -8.15 -0.97
N VAL A 70 1.39 -8.54 -0.16
CA VAL A 70 0.01 -8.76 -0.59
C VAL A 70 -0.62 -7.56 -1.27
N GLU A 71 -0.26 -6.32 -0.92
CA GLU A 71 -0.86 -5.16 -1.49
C GLU A 71 -0.88 -5.22 -3.03
N ASP A 72 0.22 -5.75 -3.61
CA ASP A 72 0.31 -5.62 -5.07
C ASP A 72 -0.67 -6.51 -5.81
N VAL A 73 -1.23 -7.52 -5.16
CA VAL A 73 -2.10 -8.47 -5.90
CA VAL A 73 -2.11 -8.55 -5.71
C VAL A 73 -3.59 -8.24 -5.68
N ALA A 74 -4.00 -7.25 -4.90
CA ALA A 74 -5.43 -6.97 -4.77
C ALA A 74 -5.61 -5.48 -4.42
N VAL A 75 -6.72 -4.94 -4.98
CA VAL A 75 -7.21 -3.63 -4.58
C VAL A 75 -8.63 -3.82 -4.09
N VAL A 76 -8.91 -3.44 -2.87
CA VAL A 76 -10.23 -3.68 -2.28
C VAL A 76 -10.85 -2.31 -2.05
N SNC A 77 -12.09 -2.15 -2.52
CA SNC A 77 -12.83 -0.91 -2.32
CB SNC A 77 -12.80 -0.05 -3.57
SG SNC A 77 -13.78 1.43 -3.52
ND SNC A 77 -12.81 2.45 -2.66
OE SNC A 77 -12.62 2.16 -1.23
C SNC A 77 -14.27 -1.29 -1.99
O SNC A 77 -14.95 -1.86 -2.84
N GLU A 78 -14.65 -1.03 -0.77
CA GLU A 78 -15.97 -1.33 -0.26
C GLU A 78 -16.17 -2.85 -0.39
N GLU A 79 -17.14 -3.28 -1.13
CA GLU A 79 -17.47 -4.70 -1.15
C GLU A 79 -16.87 -5.40 -2.32
N THR A 80 -16.01 -4.73 -3.09
CA THR A 80 -15.45 -5.32 -4.28
C THR A 80 -13.92 -5.40 -4.21
N ALA A 81 -13.39 -6.54 -4.61
CA ALA A 81 -11.97 -6.78 -4.73
C ALA A 81 -11.59 -6.99 -6.18
N LEU A 82 -10.59 -6.23 -6.63
CA LEU A 82 -9.93 -6.49 -7.89
C LEU A 82 -8.69 -7.31 -7.61
N ILE A 83 -8.66 -8.53 -8.13
CA ILE A 83 -7.48 -9.37 -8.12
C ILE A 83 -6.64 -8.95 -9.31
N THR A 84 -5.45 -8.42 -9.03
CA THR A 84 -4.68 -7.81 -10.10
C THR A 84 -3.90 -8.90 -10.86
N ARG A 85 -3.33 -8.42 -11.95
CA ARG A 85 -2.33 -9.17 -12.73
C ARG A 85 -1.01 -8.44 -12.52
N PRO A 86 -0.24 -8.82 -11.52
CA PRO A 86 0.97 -8.04 -11.20
C PRO A 86 1.91 -7.90 -12.37
N GLY A 87 2.64 -6.82 -12.41
CA GLY A 87 3.60 -6.60 -13.48
C GLY A 87 4.70 -7.63 -13.56
N ALA A 88 5.21 -8.08 -12.43
CA ALA A 88 6.32 -8.99 -12.40
C ALA A 88 5.85 -10.43 -12.61
N PRO A 89 6.31 -11.13 -13.63
CA PRO A 89 5.85 -12.54 -13.82
C PRO A 89 6.05 -13.43 -12.61
N SER A 90 7.11 -13.23 -11.85
CA SER A 90 7.40 -14.04 -10.68
C SER A 90 6.43 -13.85 -9.54
N ARG A 91 5.56 -12.85 -9.64
CA ARG A 91 4.58 -12.54 -8.61
C ARG A 91 3.18 -12.94 -9.00
N ARG A 92 2.94 -13.35 -10.26
CA ARG A 92 1.55 -13.54 -10.70
C ARG A 92 0.82 -14.58 -9.91
N LYS A 93 1.44 -15.71 -9.54
CA LYS A 93 0.74 -16.77 -8.83
C LYS A 93 0.44 -16.42 -7.38
N GLU A 94 0.92 -15.26 -6.89
CA GLU A 94 0.48 -14.78 -5.59
C GLU A 94 -1.02 -14.49 -5.57
N ALA A 95 -1.58 -14.26 -6.77
CA ALA A 95 -3.01 -14.00 -6.87
C ALA A 95 -3.83 -15.20 -6.38
N ASP A 96 -3.29 -16.42 -6.51
CA ASP A 96 -4.12 -17.62 -6.22
C ASP A 96 -4.66 -17.66 -4.79
N MET A 97 -3.77 -17.54 -3.82
CA MET A 97 -4.21 -17.56 -2.43
CA MET A 97 -4.27 -17.59 -2.45
C MET A 97 -4.97 -16.28 -2.03
N MET A 98 -4.62 -15.16 -2.63
CA MET A 98 -5.34 -13.93 -2.36
C MET A 98 -6.78 -14.01 -2.80
N LYS A 99 -7.00 -14.51 -4.01
CA LYS A 99 -8.37 -14.68 -4.51
CA LYS A 99 -8.37 -14.69 -4.52
C LYS A 99 -9.17 -15.52 -3.56
N GLU A 100 -8.64 -16.65 -3.09
CA GLU A 100 -9.35 -17.51 -2.19
CA GLU A 100 -9.28 -17.55 -2.17
C GLU A 100 -9.64 -16.81 -0.88
N ALA A 101 -8.68 -16.07 -0.33
CA ALA A 101 -8.91 -15.37 0.92
C ALA A 101 -10.04 -14.37 0.79
N LEU A 102 -10.02 -13.59 -0.30
CA LEU A 102 -11.01 -12.53 -0.49
CA LEU A 102 -11.06 -12.55 -0.37
C LEU A 102 -12.41 -13.11 -0.78
N GLU A 103 -12.45 -14.24 -1.49
CA GLU A 103 -13.70 -14.96 -1.66
C GLU A 103 -14.28 -15.30 -0.29
N LYS A 104 -13.45 -15.83 0.60
CA LYS A 104 -13.91 -16.29 1.90
C LYS A 104 -14.32 -15.11 2.79
N LEU A 105 -13.81 -13.90 2.52
CA LEU A 105 -14.28 -12.70 3.19
C LEU A 105 -15.53 -12.13 2.54
N GLN A 106 -16.12 -12.85 1.57
CA GLN A 106 -17.43 -12.52 1.00
C GLN A 106 -17.44 -11.28 0.13
N LEU A 107 -16.28 -10.93 -0.42
CA LEU A 107 -16.22 -9.81 -1.35
C LEU A 107 -16.66 -10.23 -2.73
N ASN A 108 -17.14 -9.27 -3.51
CA ASN A 108 -17.39 -9.47 -4.94
C ASN A 108 -16.02 -9.45 -5.60
N ILE A 109 -15.72 -10.45 -6.38
CA ILE A 109 -14.41 -10.62 -6.96
C ILE A 109 -14.39 -10.29 -8.43
N VAL A 110 -13.50 -9.43 -8.85
CA VAL A 110 -13.22 -9.16 -10.26
C VAL A 110 -11.76 -9.49 -10.50
N GLU A 111 -11.49 -10.33 -11.51
CA GLU A 111 -10.14 -10.75 -11.83
CA GLU A 111 -10.10 -10.67 -11.76
C GLU A 111 -9.58 -10.01 -13.03
N MET A 112 -8.38 -9.48 -12.96
CA MET A 112 -7.72 -8.89 -14.12
C MET A 112 -7.16 -10.02 -14.94
N LYS A 113 -7.92 -10.52 -15.90
CA LYS A 113 -7.47 -11.63 -16.74
CA LYS A 113 -7.47 -11.63 -16.74
C LYS A 113 -6.85 -11.17 -18.06
N ASP A 114 -7.04 -9.97 -18.53
CA ASP A 114 -6.59 -9.53 -19.84
C ASP A 114 -5.08 -9.68 -19.86
N GLU A 115 -4.55 -10.49 -20.74
CA GLU A 115 -3.12 -10.69 -20.83
C GLU A 115 -2.35 -9.49 -21.37
N ASN A 116 -3.04 -8.44 -21.78
CA ASN A 116 -2.35 -7.21 -22.11
C ASN A 116 -2.37 -6.21 -20.96
N ALA A 117 -2.92 -6.60 -19.80
CA ALA A 117 -3.01 -5.68 -18.67
C ALA A 117 -2.09 -6.12 -17.55
N THR A 118 -1.46 -5.15 -16.91
CA THR A 118 -0.80 -5.41 -15.63
C THR A 118 -1.12 -4.28 -14.70
N LEU A 119 -1.16 -4.61 -13.42
CA LEU A 119 -1.35 -3.60 -12.39
C LEU A 119 -0.81 -4.16 -11.07
N ASP A 120 0.03 -3.37 -10.41
CA ASP A 120 0.41 -3.60 -9.03
C ASP A 120 -0.41 -2.70 -8.15
N GLY A 121 -1.00 -3.27 -7.09
CA GLY A 121 -1.73 -2.45 -6.12
C GLY A 121 -0.90 -1.34 -5.48
N GLY A 122 0.42 -1.50 -5.42
CA GLY A 122 1.25 -0.44 -4.89
C GLY A 122 1.22 0.84 -5.71
N ASP A 123 0.83 0.74 -6.99
CA ASP A 123 0.65 1.90 -7.87
C ASP A 123 -0.67 2.60 -7.64
N VAL A 124 -1.53 2.13 -6.73
CA VAL A 124 -2.87 2.68 -6.57
CA VAL A 124 -2.84 2.79 -6.65
C VAL A 124 -2.96 3.49 -5.29
N LEU A 125 -3.30 4.78 -5.40
CA LEU A 125 -3.54 5.70 -4.29
C LEU A 125 -5.02 6.00 -4.27
N PHE A 126 -5.73 5.52 -3.26
CA PHE A 126 -7.16 5.81 -3.08
C PHE A 126 -7.27 6.89 -2.00
N THR A 127 -7.78 8.06 -2.36
CA THR A 127 -7.78 9.19 -1.46
C THR A 127 -9.01 9.27 -0.59
N GLY A 128 -10.02 8.43 -0.82
CA GLY A 128 -11.33 8.62 -0.23
C GLY A 128 -12.31 9.25 -1.17
N ARG A 129 -11.82 10.01 -2.12
CA ARG A 129 -12.64 10.71 -3.09
C ARG A 129 -12.38 10.24 -4.52
N GLU A 130 -11.25 9.68 -4.85
CA GLU A 130 -10.86 9.33 -6.19
C GLU A 130 -9.66 8.40 -6.08
N PHE A 131 -9.31 7.80 -7.19
CA PHE A 131 -8.09 7.02 -7.35
C PHE A 131 -7.08 7.76 -8.23
N PHE A 132 -5.84 7.66 -7.85
CA PHE A 132 -4.67 7.96 -8.72
C PHE A 132 -3.95 6.66 -8.96
N VAL A 133 -3.67 6.32 -10.19
CA VAL A 133 -2.99 5.10 -10.55
C VAL A 133 -1.71 5.42 -11.28
N GLY A 134 -0.59 4.95 -10.71
CA GLY A 134 0.68 5.15 -11.36
C GLY A 134 0.83 4.27 -12.57
N LEU A 135 1.35 4.89 -13.66
CA LEU A 135 1.76 4.15 -14.84
C LEU A 135 3.26 3.99 -14.71
N SER A 136 3.69 2.76 -14.48
CA SER A 136 5.04 2.42 -14.06
C SER A 136 5.52 1.28 -14.91
N LYS A 137 6.67 0.67 -14.53
CA LYS A 137 7.12 -0.54 -15.22
C LYS A 137 6.24 -1.73 -14.82
N ARG A 138 5.44 -1.59 -13.77
CA ARG A 138 4.55 -2.62 -13.28
C ARG A 138 3.10 -2.46 -13.70
N THR A 139 2.62 -1.27 -13.89
CA THR A 139 1.22 -0.99 -14.14
C THR A 139 1.06 -0.26 -15.45
N ASN A 140 0.22 -0.78 -16.33
CA ASN A 140 0.03 -0.13 -17.64
C ASN A 140 -1.35 0.47 -17.75
N GLN A 141 -1.56 1.20 -18.87
CA GLN A 141 -2.80 1.90 -19.12
C GLN A 141 -3.99 0.95 -19.10
N ARG A 142 -3.84 -0.23 -19.70
CA ARG A 142 -4.98 -1.18 -19.69
C ARG A 142 -5.32 -1.64 -18.32
N GLY A 143 -4.28 -1.89 -17.49
CA GLY A 143 -4.54 -2.18 -16.06
C GLY A 143 -5.33 -1.12 -15.35
N ALA A 144 -4.92 0.15 -15.58
CA ALA A 144 -5.63 1.26 -14.99
C ALA A 144 -7.08 1.35 -15.48
N GLU A 145 -7.30 1.08 -16.76
CA GLU A 145 -8.63 1.07 -17.33
C GLU A 145 -9.51 0.01 -16.68
N ILE A 146 -8.94 -1.18 -16.47
CA ILE A 146 -9.73 -2.22 -15.82
C ILE A 146 -10.08 -1.79 -14.41
N LEU A 147 -9.12 -1.19 -13.67
CA LEU A 147 -9.44 -0.68 -12.34
C LEU A 147 -10.60 0.31 -12.42
N ALA A 148 -10.57 1.26 -13.34
CA ALA A 148 -11.62 2.24 -13.48
C ALA A 148 -13.00 1.61 -13.77
N ASP A 149 -12.98 0.59 -14.61
CA ASP A 149 -14.21 -0.14 -14.89
CA ASP A 149 -14.20 -0.18 -14.92
C ASP A 149 -14.77 -0.91 -13.70
N THR A 150 -13.89 -1.34 -12.83
CA THR A 150 -14.23 -2.13 -11.65
C THR A 150 -14.85 -1.27 -10.57
N PHE A 151 -14.29 -0.08 -10.38
CA PHE A 151 -14.71 0.83 -9.32
C PHE A 151 -15.36 2.08 -9.93
N LYS A 152 -16.53 1.87 -10.54
CA LYS A 152 -17.17 2.93 -11.33
CA LYS A 152 -17.16 2.93 -11.32
C LYS A 152 -17.68 4.10 -10.50
N ASP A 153 -17.80 3.89 -9.19
CA ASP A 153 -18.31 5.00 -8.35
C ASP A 153 -17.29 6.09 -8.11
N TYR A 154 -16.03 5.83 -8.50
CA TYR A 154 -14.96 6.77 -8.25
C TYR A 154 -14.24 7.14 -9.50
N ALA A 155 -13.85 8.42 -9.58
CA ALA A 155 -12.98 8.84 -10.67
C ALA A 155 -11.59 8.21 -10.51
N VAL A 156 -10.98 7.89 -11.64
CA VAL A 156 -9.65 7.31 -11.75
C VAL A 156 -8.83 8.14 -12.70
N SER A 157 -7.67 8.60 -12.31
CA SER A 157 -6.75 9.29 -13.20
CA SER A 157 -6.73 9.37 -13.10
C SER A 157 -5.37 8.69 -13.00
N THR A 158 -4.52 8.82 -13.99
CA THR A 158 -3.20 8.22 -13.96
C THR A 158 -2.10 9.24 -13.80
N VAL A 159 -0.94 8.78 -13.31
CA VAL A 159 0.18 9.66 -13.15
CA VAL A 159 0.21 9.58 -12.98
C VAL A 159 1.46 8.89 -13.48
N PRO A 160 2.37 9.48 -14.22
CA PRO A 160 3.62 8.74 -14.56
C PRO A 160 4.46 8.48 -13.33
N VAL A 161 4.96 7.27 -13.22
CA VAL A 161 5.92 6.89 -12.18
C VAL A 161 7.24 6.66 -12.91
N VAL A 162 8.20 7.50 -12.69
CA VAL A 162 9.39 7.40 -13.60
CA VAL A 162 9.38 7.40 -13.59
C VAL A 162 10.62 6.66 -13.11
N ASP A 163 11.10 7.03 -11.93
N ASP A 163 11.01 6.88 -11.90
CA ASP A 163 12.29 6.73 -11.10
CA ASP A 163 12.21 6.21 -11.42
C ASP A 163 11.98 6.24 -9.64
C ASP A 163 11.91 5.17 -10.34
N ALA A 164 10.97 5.39 -9.56
N ALA A 164 10.92 5.48 -9.51
CA ALA A 164 10.55 4.64 -8.40
C ALA A 164 9.83 3.40 -8.87
N LEU A 165 9.69 2.41 -7.96
CA LEU A 165 8.97 1.20 -8.31
C LEU A 165 7.49 1.45 -8.53
N HIS A 166 6.88 2.14 -7.57
CA HIS A 166 5.45 2.36 -7.54
C HIS A 166 5.10 3.81 -7.21
N LEU A 167 3.87 4.20 -7.52
CA LEU A 167 3.39 5.52 -7.05
C LEU A 167 3.59 5.66 -5.56
N LYS A 168 3.19 4.63 -4.79
CA LYS A 168 3.27 4.76 -3.34
CA LYS A 168 3.25 4.73 -3.34
C LYS A 168 4.64 4.46 -2.79
N SER A 169 5.66 4.38 -3.63
CA SER A 169 7.03 4.43 -3.16
C SER A 169 7.38 5.80 -2.60
N PHE A 170 6.56 6.81 -2.85
CA PHE A 170 6.86 8.18 -2.38
C PHE A 170 5.61 8.93 -1.92
N CYS A 171 4.49 8.24 -1.69
CA CYS A 171 3.29 8.90 -1.18
C CYS A 171 2.37 7.84 -0.58
N SER A 172 1.37 8.33 0.14
CA SER A 172 0.35 7.53 0.80
CA SER A 172 0.28 7.52 0.69
C SER A 172 -0.65 8.48 1.43
N MET A 173 -1.83 7.99 1.80
CA MET A 173 -2.74 8.83 2.61
C MET A 173 -2.34 8.79 4.05
N ALA A 174 -2.19 9.96 4.67
CA ALA A 174 -1.90 10.10 6.10
C ALA A 174 -3.13 10.49 6.88
N GLY A 175 -4.25 10.78 6.27
CA GLY A 175 -5.49 11.16 6.93
C GLY A 175 -6.51 11.48 5.89
N PRO A 176 -7.73 11.82 6.31
CA PRO A 176 -8.82 11.98 5.34
C PRO A 176 -8.70 12.90 4.19
N ASN A 177 -7.94 13.97 4.41
CA ASN A 177 -7.67 14.87 3.24
C ASN A 177 -6.18 15.11 3.10
N LEU A 178 -5.34 14.22 3.55
CA LEU A 178 -3.91 14.48 3.74
C LEU A 178 -3.07 13.45 3.00
N ILE A 179 -2.33 13.91 2.00
CA ILE A 179 -1.41 13.08 1.21
C ILE A 179 -0.05 13.26 1.77
N ALA A 180 0.55 12.20 2.32
CA ALA A 180 1.97 12.21 2.65
C ALA A 180 2.77 12.10 1.37
N ILE A 181 3.82 12.90 1.23
CA ILE A 181 4.56 13.03 -0.03
C ILE A 181 6.01 13.28 0.26
N GLY A 182 6.88 12.67 -0.53
CA GLY A 182 8.29 12.96 -0.45
C GLY A 182 8.66 14.27 -1.06
N SER A 183 9.95 14.63 -0.89
CA SER A 183 10.51 15.88 -1.38
C SER A 183 11.38 15.73 -2.62
N SER A 184 11.53 14.56 -3.19
CA SER A 184 12.38 14.49 -4.36
C SER A 184 11.77 15.21 -5.53
N GLU A 185 12.58 15.50 -6.53
CA GLU A 185 12.13 16.06 -7.78
C GLU A 185 10.96 15.25 -8.36
N SER A 186 11.14 13.97 -8.40
CA SER A 186 10.14 13.08 -8.97
CA SER A 186 10.12 13.11 -9.01
CA SER A 186 10.19 12.98 -8.90
C SER A 186 8.87 13.03 -8.13
N ALA A 187 9.00 12.97 -6.83
CA ALA A 187 7.81 12.90 -5.95
C ALA A 187 6.99 14.16 -6.12
N GLN A 188 7.70 15.32 -6.12
CA GLN A 188 7.01 16.61 -6.24
C GLN A 188 6.35 16.78 -7.60
N LYS A 189 6.99 16.31 -8.66
CA LYS A 189 6.35 16.41 -9.97
C LYS A 189 5.07 15.57 -9.96
N ALA A 190 5.11 14.38 -9.41
CA ALA A 190 3.92 13.50 -9.36
C ALA A 190 2.81 14.14 -8.58
N LEU A 191 3.14 14.73 -7.42
CA LEU A 191 2.12 15.41 -6.66
C LEU A 191 1.45 16.54 -7.40
N LYS A 192 2.26 17.33 -8.11
CA LYS A 192 1.67 18.43 -8.86
C LYS A 192 0.74 17.93 -9.92
N ILE A 193 1.10 16.82 -10.57
CA ILE A 193 0.21 16.24 -11.60
C ILE A 193 -1.07 15.75 -11.00
N MET A 194 -1.01 15.04 -9.87
CA MET A 194 -2.24 14.56 -9.23
CA MET A 194 -2.24 14.57 -9.23
C MET A 194 -3.12 15.75 -8.88
N GLN A 195 -2.53 16.78 -8.29
CA GLN A 195 -3.35 17.92 -7.88
CA GLN A 195 -3.37 17.89 -7.88
C GLN A 195 -3.96 18.64 -9.07
N GLN A 196 -3.21 18.70 -10.18
CA GLN A 196 -3.72 19.44 -11.36
CA GLN A 196 -3.69 19.38 -11.39
C GLN A 196 -4.87 18.65 -11.99
N MET A 197 -4.98 17.36 -11.78
CA MET A 197 -6.03 16.49 -12.33
CA MET A 197 -6.06 16.58 -12.39
C MET A 197 -7.29 16.47 -11.50
N SER A 198 -7.23 16.96 -10.28
CA SER A 198 -8.36 16.89 -9.41
C SER A 198 -8.97 18.26 -9.16
N ASP A 199 -10.25 18.29 -8.96
CA ASP A 199 -10.91 19.53 -8.53
C ASP A 199 -10.97 19.61 -7.04
N HIS A 200 -10.49 18.66 -6.33
CA HIS A 200 -10.51 18.64 -4.87
C HIS A 200 -9.16 19.14 -4.35
N ARG A 201 -9.13 20.01 -3.35
CA ARG A 201 -7.90 20.49 -2.76
CA ARG A 201 -7.91 20.50 -2.75
C ARG A 201 -7.51 19.58 -1.61
N TYR A 202 -6.42 18.85 -1.80
CA TYR A 202 -5.80 18.00 -0.82
C TYR A 202 -4.77 18.80 -0.02
N ASP A 203 -4.69 18.46 1.24
CA ASP A 203 -3.56 18.89 2.10
C ASP A 203 -2.41 17.92 1.93
N LYS A 204 -1.21 18.35 2.22
CA LYS A 204 -0.06 17.44 2.12
CA LYS A 204 0.00 17.58 2.09
C LYS A 204 0.75 17.46 3.39
N LEU A 205 1.38 16.33 3.64
CA LEU A 205 2.31 16.09 4.72
C LEU A 205 3.63 15.78 4.07
N THR A 206 4.52 16.76 3.97
CA THR A 206 5.75 16.60 3.19
C THR A 206 6.88 16.10 4.10
N VAL A 207 7.56 15.05 3.66
CA VAL A 207 8.66 14.49 4.42
C VAL A 207 9.93 14.44 3.54
N PRO A 208 11.09 14.55 4.17
CA PRO A 208 12.35 14.64 3.40
C PRO A 208 12.81 13.32 2.82
N ASP A 209 12.36 12.18 3.33
CA ASP A 209 12.73 10.87 2.82
C ASP A 209 11.57 10.30 2.06
N ASP A 210 11.68 10.13 0.75
CA ASP A 210 10.55 9.69 -0.04
C ASP A 210 9.91 8.42 0.49
N THR A 211 10.72 7.44 0.86
CA THR A 211 10.10 6.20 1.26
CA THR A 211 10.14 6.17 1.26
C THR A 211 9.43 6.29 2.60
N ALA A 212 9.74 7.29 3.41
CA ALA A 212 9.03 7.54 4.65
C ALA A 212 7.65 8.20 4.42
N ALA A 213 7.35 8.58 3.20
CA ALA A 213 6.03 9.08 2.84
C ALA A 213 5.01 7.94 2.72
N ASN A 214 5.45 6.68 2.76
CA ASN A 214 4.59 5.53 2.71
C ASN A 214 4.25 5.15 4.17
N CYS A 215 2.97 5.32 4.49
CA CYS A 215 2.41 5.19 5.83
CA CYS A 215 2.43 5.13 5.84
C CYS A 215 1.05 4.53 5.69
N ILE A 216 0.46 4.10 6.82
CA ILE A 216 -0.87 3.53 6.85
C ILE A 216 -1.74 4.29 7.81
N TYR A 217 -2.80 4.91 7.29
CA TYR A 217 -3.82 5.58 8.05
C TYR A 217 -5.00 4.65 8.30
N LEU A 218 -5.49 4.60 9.52
CA LEU A 218 -6.69 3.84 9.85
CA LEU A 218 -6.68 3.82 9.83
C LEU A 218 -7.57 4.67 10.75
N ASN A 219 -8.87 4.48 10.61
CA ASN A 219 -9.86 5.03 11.52
CA ASN A 219 -9.86 5.03 11.52
C ASN A 219 -10.40 3.83 12.29
N ILE A 220 -10.05 3.78 13.58
CA ILE A 220 -10.37 2.62 14.42
C ILE A 220 -11.32 3.05 15.51
N PRO A 221 -12.48 2.42 15.66
CA PRO A 221 -13.40 2.76 16.77
CA PRO A 221 -13.56 2.92 16.55
C PRO A 221 -12.68 2.66 18.10
C PRO A 221 -13.18 3.46 17.92
N SER A 222 -12.93 3.59 19.03
N SER A 222 -12.35 2.82 18.72
CA SER A 222 -12.27 3.61 20.33
CA SER A 222 -12.16 3.41 20.06
C SER A 222 -10.81 4.08 20.23
N LYS A 223 -10.16 4.27 19.10
CA LYS A 223 -8.85 4.91 19.05
C LYS A 223 -8.80 6.14 18.18
N GLY A 224 -9.66 6.19 17.14
CA GLY A 224 -9.68 7.40 16.32
C GLY A 224 -8.75 7.26 15.14
N HIS A 225 -8.13 8.39 14.83
CA HIS A 225 -7.29 8.56 13.68
C HIS A 225 -5.88 8.04 13.97
N VAL A 226 -5.55 6.90 13.45
CA VAL A 226 -4.30 6.16 13.73
C VAL A 226 -3.39 6.24 12.51
N LEU A 227 -2.08 6.36 12.75
CA LEU A 227 -1.12 6.43 11.65
C LEU A 227 0.10 5.62 12.00
N LEU A 228 0.36 4.56 11.18
CA LEU A 228 1.57 3.75 11.25
C LEU A 228 2.59 4.42 10.35
N HIS A 229 3.78 4.72 10.90
CA HIS A 229 4.78 5.47 10.15
C HIS A 229 6.17 4.96 10.48
N ARG A 230 7.15 5.29 9.65
CA ARG A 230 8.52 4.80 9.87
C ARG A 230 9.11 5.42 11.11
N THR A 231 10.04 4.69 11.71
CA THR A 231 10.61 5.03 12.99
C THR A 231 11.66 6.09 12.91
N PRO A 232 11.90 6.78 14.05
CA PRO A 232 13.04 7.72 14.13
C PRO A 232 14.38 7.05 13.92
N GLU A 233 14.53 5.78 14.30
CA GLU A 233 15.79 5.11 14.07
CA GLU A 233 15.81 5.14 14.07
C GLU A 233 16.05 4.97 12.59
N GLU A 234 15.02 4.71 11.78
CA GLU A 234 15.17 4.46 10.36
C GLU A 234 15.24 5.74 9.56
N TYR A 235 14.38 6.72 9.87
CA TYR A 235 14.29 7.96 9.12
C TYR A 235 14.07 9.10 10.10
N PRO A 236 15.10 9.54 10.82
CA PRO A 236 14.90 10.51 11.90
C PRO A 236 14.30 11.80 11.42
N GLU A 237 14.67 12.29 10.23
CA GLU A 237 14.19 13.60 9.82
C GLU A 237 12.73 13.55 9.39
N SER A 238 12.29 12.39 8.88
CA SER A 238 10.89 12.24 8.54
C SER A 238 10.05 11.98 9.79
N ALA A 239 10.60 11.24 10.76
CA ALA A 239 9.84 11.00 11.98
C ALA A 239 9.52 12.30 12.69
N LYS A 240 10.42 13.29 12.62
CA LYS A 240 10.12 14.58 13.24
C LYS A 240 8.88 15.23 12.68
N VAL A 241 8.61 15.00 11.38
CA VAL A 241 7.40 15.55 10.75
C VAL A 241 6.19 14.83 11.28
N TYR A 242 6.21 13.48 11.30
CA TYR A 242 5.07 12.71 11.80
C TYR A 242 4.77 13.06 13.25
N GLU A 243 5.83 13.26 14.05
CA GLU A 243 5.64 13.50 15.48
C GLU A 243 4.88 14.77 15.79
N LYS A 244 4.83 15.72 14.87
CA LYS A 244 4.03 16.92 15.07
C LYS A 244 2.54 16.64 15.02
N LEU A 245 2.12 15.48 14.57
CA LEU A 245 0.70 15.21 14.37
C LEU A 245 0.06 14.78 15.70
N LYS A 246 -0.27 15.75 16.54
CA LYS A 246 -1.01 15.60 17.75
CA LYS A 246 -0.99 15.51 17.76
C LYS A 246 -2.47 15.25 17.49
N ASP A 247 -2.89 15.32 16.24
CA ASP A 247 -4.24 14.99 15.83
C ASP A 247 -4.33 13.53 15.39
N HIS A 248 -3.27 12.74 15.56
CA HIS A 248 -3.33 11.30 15.27
C HIS A 248 -2.77 10.54 16.46
N MET A 249 -3.18 9.28 16.58
CA MET A 249 -2.49 8.30 17.40
CA MET A 249 -2.49 8.30 17.40
C MET A 249 -1.41 7.67 16.53
N LEU A 250 -0.15 8.00 16.83
CA LEU A 250 0.99 7.63 16.00
C LEU A 250 1.58 6.32 16.48
N ILE A 251 1.89 5.41 15.56
CA ILE A 251 2.49 4.13 15.87
C ILE A 251 3.72 3.94 14.98
N PRO A 252 4.93 4.15 15.51
CA PRO A 252 6.12 3.88 14.72
C PRO A 252 6.27 2.39 14.45
N VAL A 253 6.55 2.00 13.22
CA VAL A 253 6.69 0.61 12.82
C VAL A 253 7.95 0.44 12.00
N SER A 254 8.84 -0.44 12.46
CA SER A 254 10.12 -0.73 11.81
C SER A 254 9.84 -1.53 10.54
N ASN A 255 10.63 -1.22 9.51
CA ASN A 255 10.50 -1.91 8.23
C ASN A 255 11.80 -1.98 7.46
N SER A 256 12.91 -1.83 8.17
CA SER A 256 14.20 -1.74 7.49
C SER A 256 14.52 -2.90 6.64
N GLU A 257 14.21 -4.12 7.06
CA GLU A 257 14.63 -5.27 6.28
C GLU A 257 13.86 -5.38 4.99
N LEU A 258 12.54 -5.20 5.02
CA LEU A 258 11.81 -5.29 3.78
C LEU A 258 12.03 -4.14 2.85
N GLU A 259 12.44 -2.98 3.36
CA GLU A 259 12.78 -1.90 2.46
CA GLU A 259 12.76 -1.89 2.45
C GLU A 259 13.97 -2.30 1.59
N LYS A 260 14.84 -3.21 2.04
CA LYS A 260 15.95 -3.67 1.21
C LYS A 260 15.44 -4.32 -0.09
N VAL A 261 14.22 -4.82 -0.09
CA VAL A 261 13.61 -5.37 -1.28
C VAL A 261 12.47 -4.48 -1.74
N ASP A 262 12.55 -3.16 -1.52
CA ASP A 262 11.61 -2.17 -1.98
C ASP A 262 10.24 -2.31 -1.37
N GLY A 263 10.11 -3.05 -0.28
CA GLY A 263 8.83 -3.22 0.38
C GLY A 263 8.61 -2.14 1.42
N LEU A 264 7.58 -1.36 1.25
CA LEU A 264 7.29 -0.28 2.20
C LEU A 264 6.08 -0.69 3.05
N LEU A 265 5.68 0.15 3.97
CA LEU A 265 4.65 -0.25 4.95
C LEU A 265 3.37 -0.73 4.30
N THR A 266 2.86 -0.02 3.30
CA THR A 266 1.59 -0.39 2.74
C THR A 266 1.65 -1.76 2.07
OAO KOR A 267 9.58 -5.88 -6.40
CAN KOR A 267 8.56 -6.04 -5.72
OAQ KOR A 267 7.40 -6.08 -6.13
CAJ KOR A 267 8.75 -6.18 -4.20
NAK KOR A 267 10.10 -6.74 -3.93
CAI KOR A 267 8.62 -4.81 -3.53
C KOR A 267 2.55 -4.65 1.48
O KOR A 267 2.23 -5.65 0.81
N KOR A 267 2.82 -2.19 1.60
OAA KOR A 267 5.92 -1.83 -1.07
CAH KOR A 267 7.38 -4.00 -3.66
SAG KOR A 267 6.30 -4.76 -2.37
NAF KOR A 267 5.00 -3.78 -2.39
SAE KOR A 267 4.72 -2.64 -1.31
CB KOR A 267 4.35 -3.51 0.23
CA KOR A 267 2.90 -3.37 0.75
N1 K1R A 267 10.10 -6.74 -3.93
CA1 K1R A 267 8.75 -6.18 -4.20
C1 K1R A 267 8.56 -6.04 -5.72
O11 K1R A 267 7.40 -6.08 -6.13
O12 K1R A 267 9.58 -5.88 -6.40
CB1 K1R A 267 8.62 -4.81 -3.53
CG1 K1R A 267 7.05 -4.70 -3.43
OE1 K1R A 267 6.81 -2.04 -3.59
N2 K1R A 267 2.82 -2.19 1.60
CA2 K1R A 267 2.89 -3.38 0.78
C2 K1R A 267 2.55 -4.65 1.48
SAG K1R A 267 6.47 -3.16 -2.65
NAF K1R A 267 4.86 -3.31 -2.56
O2 K1R A 267 2.23 -5.65 0.81
CB2 K1R A 267 4.23 -3.43 0.04
SG2 K1R A 267 4.09 -2.41 -1.45
N SER A 268 2.66 -4.68 2.80
CA SER A 268 2.46 -5.92 3.58
C SER A 268 1.04 -6.12 4.05
N SER A 269 0.04 -5.38 3.60
CA SER A 269 -1.31 -5.65 4.02
C SER A 269 -2.30 -5.26 2.95
N VAL A 270 -3.47 -5.89 2.98
CA VAL A 270 -4.66 -5.52 2.24
C VAL A 270 -5.77 -5.32 3.28
N LEU A 271 -6.32 -4.15 3.35
CA LEU A 271 -7.32 -3.77 4.34
C LEU A 271 -8.71 -3.92 3.76
N ILE A 272 -9.64 -4.41 4.58
CA ILE A 272 -11.02 -4.67 4.16
C ILE A 272 -11.96 -4.10 5.23
N ASN A 273 -13.02 -3.41 4.76
CA ASN A 273 -14.08 -2.94 5.66
C ASN A 273 -15.31 -3.79 5.41
N LYS A 274 -15.63 -4.68 6.32
CA LYS A 274 -16.85 -5.49 6.20
C LYS A 274 -17.93 -5.14 7.17
N LYS A 275 -19.15 -4.95 6.72
CA LYS A 275 -20.32 -5.04 7.54
C LYS A 275 -20.23 -4.13 8.73
C1 CIT B . 12.80 -7.43 18.50
O1 CIT B . 11.96 -8.16 19.08
O2 CIT B . 13.98 -7.59 18.74
C2 CIT B . 12.26 -6.41 17.54
C3 CIT B . 13.22 -5.92 16.50
O7 CIT B . 13.58 -6.98 15.65
C4 CIT B . 12.66 -4.76 15.72
C5 CIT B . 13.60 -4.27 14.63
O3 CIT B . 13.84 -3.13 14.33
O4 CIT B . 14.12 -5.08 13.93
C6 CIT B . 14.62 -5.48 17.00
O5 CIT B . 14.68 -4.64 17.83
O6 CIT B . 15.62 -6.00 16.52
#